data_8B16
#
_entry.id   8B16
#
_cell.length_a   31.885
_cell.length_b   43.292
_cell.length_c   57.216
_cell.angle_alpha   74.450
_cell.angle_beta   88.710
_cell.angle_gamma   86.990
#
_symmetry.space_group_name_H-M   'P 1'
#
loop_
_entity.id
_entity.type
_entity.pdbx_description
1 polymer CC-Pent2-I17Q
2 non-polymer 1,2-ETHANEDIOL
3 water water
#
_entity_poly.entity_id   1
_entity_poly.type   'polypeptide(L)'
_entity_poly.pdbx_seq_one_letter_code
;(ACE)GEIAQTLKEIAKTLKEQAWTLKEIAQTLKG(NH2)
;
_entity_poly.pdbx_strand_id   E,A,B,L,F,D,K,H,G,I,C,J
#
loop_
_chem_comp.id
_chem_comp.type
_chem_comp.name
_chem_comp.formula
ACE non-polymer 'ACETYL GROUP' 'C2 H4 O'
EDO non-polymer 1,2-ETHANEDIOL 'C2 H6 O2'
NH2 non-polymer 'AMINO GROUP' 'H2 N'
#
# COMPACT_ATOMS: atom_id res chain seq x y z
N GLY A 2 13.85 37.11 10.33
CA GLY A 2 12.66 36.95 11.19
C GLY A 2 12.35 35.48 11.49
N GLU A 3 11.10 35.23 11.87
CA GLU A 3 10.64 33.92 12.28
C GLU A 3 10.83 32.92 11.13
N ILE A 4 10.52 33.34 9.90
CA ILE A 4 10.59 32.44 8.75
C ILE A 4 12.02 31.98 8.54
N ALA A 5 12.97 32.92 8.57
CA ALA A 5 14.38 32.59 8.35
C ALA A 5 14.88 31.64 9.44
N GLN A 6 14.47 31.88 10.68
CA GLN A 6 14.90 31.02 11.79
C GLN A 6 14.30 29.63 11.64
N THR A 7 13.04 29.56 11.24
CA THR A 7 12.37 28.28 11.07
C THR A 7 13.01 27.48 9.94
N LEU A 8 13.37 28.16 8.85
CA LEU A 8 14.05 27.47 7.75
C LEU A 8 15.40 26.93 8.21
N LYS A 9 16.10 27.68 9.07
CA LYS A 9 17.38 27.22 9.58
C LYS A 9 17.20 25.96 10.42
N GLU A 10 16.12 25.89 11.19
CA GLU A 10 15.82 24.71 11.99
C GLU A 10 15.55 23.53 11.08
N ILE A 11 14.80 23.77 10.01
CA ILE A 11 14.52 22.73 9.03
C ILE A 11 15.83 22.23 8.42
N ALA A 12 16.73 23.15 8.07
CA ALA A 12 18.01 22.79 7.47
C ALA A 12 18.82 21.92 8.43
N LYS A 13 18.84 22.27 9.71
CA LYS A 13 19.59 21.55 10.73
C LYS A 13 19.02 20.14 10.89
N THR A 14 17.70 20.03 10.94
CA THR A 14 17.03 18.75 11.10
C THR A 14 17.29 17.85 9.90
N LEU A 15 17.24 18.42 8.69
CA LEU A 15 17.49 17.61 7.50
C LEU A 15 18.94 17.09 7.52
N LYS A 16 19.87 17.90 8.02
CA LYS A 16 21.26 17.48 8.11
C LYS A 16 21.40 16.33 9.10
N GLU A 17 20.66 16.36 10.21
CA GLU A 17 20.64 15.28 11.18
C GLU A 17 20.12 14.00 10.51
N GLN A 18 19.04 14.13 9.74
CA GLN A 18 18.43 13.01 9.05
C GLN A 18 19.43 12.41 8.04
N ALA A 19 20.15 13.29 7.34
CA ALA A 19 21.13 12.88 6.35
C ALA A 19 22.23 12.02 7.00
N TRP A 20 22.68 12.44 8.18
CA TRP A 20 23.70 11.69 8.89
C TRP A 20 23.16 10.31 9.32
N THR A 21 21.93 10.29 9.82
CA THR A 21 21.31 9.05 10.23
C THR A 21 21.17 8.09 9.04
N LEU A 22 20.79 8.62 7.88
CA LEU A 22 20.68 7.77 6.69
C LEU A 22 22.05 7.15 6.34
N LYS A 23 23.12 7.94 6.51
CA LYS A 23 24.46 7.44 6.27
C LYS A 23 24.79 6.29 7.24
N GLU A 24 24.37 6.42 8.50
CA GLU A 24 24.55 5.37 9.47
C GLU A 24 23.80 4.10 9.04
N ILE A 25 22.58 4.27 8.55
CA ILE A 25 21.78 3.15 8.08
C ILE A 25 22.49 2.48 6.91
N ALA A 26 22.98 3.27 5.96
CA ALA A 26 23.69 2.74 4.80
C ALA A 26 24.88 1.89 5.25
N GLN A 27 25.64 2.39 6.24
CA GLN A 27 26.82 1.70 6.73
C GLN A 27 26.42 0.37 7.41
N THR A 28 25.34 0.41 8.19
CA THR A 28 24.85 -0.75 8.89
C THR A 28 24.43 -1.84 7.90
N LEU A 29 23.75 -1.44 6.82
CA LEU A 29 23.27 -2.38 5.83
C LEU A 29 24.44 -3.03 5.10
N LYS A 30 25.57 -2.34 4.97
CA LYS A 30 26.73 -2.95 4.35
C LYS A 30 27.37 -3.97 5.29
N GLY A 31 27.34 -3.70 6.60
CA GLY A 31 27.85 -4.60 7.62
C GLY A 31 28.83 -3.94 8.60
C ACE B 1 -1.64 32.88 0.83
O ACE B 1 -0.65 32.68 0.15
CH3 ACE B 1 -1.57 33.39 2.24
N GLY B 2 -2.87 32.62 0.45
CA GLY B 2 -3.08 32.24 -0.96
C GLY B 2 -2.51 30.86 -1.27
N GLU B 3 -2.09 30.68 -2.53
CA GLU B 3 -1.72 29.37 -3.04
C GLU B 3 -0.54 28.81 -2.25
N ILE B 4 0.44 29.67 -1.93
CA ILE B 4 1.64 29.23 -1.25
C ILE B 4 1.29 28.68 0.13
N ALA B 5 0.45 29.41 0.88
CA ALA B 5 0.08 29.01 2.23
C ALA B 5 -0.69 27.68 2.18
N GLN B 6 -1.58 27.53 1.19
CA GLN B 6 -2.37 26.33 1.09
C GLN B 6 -1.48 25.14 0.75
N THR B 7 -0.52 25.36 -0.16
CA THR B 7 0.37 24.30 -0.59
C THR B 7 1.26 23.87 0.56
N LEU B 8 1.75 24.83 1.36
CA LEU B 8 2.56 24.49 2.52
C LEU B 8 1.75 23.67 3.52
N LYS B 9 0.46 23.99 3.69
CA LYS B 9 -0.37 23.22 4.60
C LYS B 9 -0.51 21.78 4.14
N GLU B 10 -0.62 21.57 2.82
CA GLU B 10 -0.70 20.23 2.26
C GLU B 10 0.61 19.49 2.54
N ILE B 11 1.73 20.18 2.35
CA ILE B 11 3.04 19.60 2.61
C ILE B 11 3.13 19.20 4.08
N ALA B 12 2.68 20.07 4.98
CA ALA B 12 2.74 19.80 6.42
C ALA B 12 1.94 18.56 6.75
N LYS B 13 0.75 18.41 6.17
CA LYS B 13 -0.13 17.28 6.43
C LYS B 13 0.52 16.00 5.96
N THR B 14 1.09 16.03 4.75
CA THR B 14 1.73 14.86 4.17
C THR B 14 2.94 14.43 5.00
N LEU B 15 3.74 15.41 5.44
CA LEU B 15 4.92 15.09 6.23
C LEU B 15 4.50 14.44 7.56
N LYS B 16 3.38 14.90 8.13
CA LYS B 16 2.90 14.31 9.37
C LYS B 16 2.50 12.84 9.15
N GLU B 17 1.87 12.57 8.00
CA GLU B 17 1.51 11.20 7.64
C GLU B 17 2.77 10.35 7.49
N GLN B 18 3.79 10.90 6.84
CA GLN B 18 5.04 10.19 6.61
C GLN B 18 5.72 9.89 7.94
N ALA B 19 5.66 10.85 8.89
CA ALA B 19 6.23 10.68 10.20
C ALA B 19 5.59 9.47 10.91
N TRP B 20 4.28 9.35 10.81
CA TRP B 20 3.57 8.24 11.42
C TRP B 20 3.93 6.92 10.75
N THR B 21 4.04 6.91 9.44
CA THR B 21 4.45 5.72 8.71
C THR B 21 5.86 5.29 9.11
N LEU B 22 6.77 6.25 9.30
CA LEU B 22 8.13 5.90 9.75
C LEU B 22 8.08 5.24 11.12
N LYS B 23 7.18 5.74 12.00
CA LYS B 23 7.02 5.14 13.31
C LYS B 23 6.53 3.71 13.18
N GLU B 24 5.61 3.44 12.26
CA GLU B 24 5.15 2.09 11.98
C GLU B 24 6.32 1.21 11.54
N ILE B 25 7.18 1.72 10.67
CA ILE B 25 8.33 0.96 10.21
C ILE B 25 9.24 0.63 11.40
N ALA B 26 9.51 1.65 12.24
CA ALA B 26 10.37 1.46 13.39
C ALA B 26 9.81 0.37 14.30
N GLN B 27 8.49 0.39 14.52
CA GLN B 27 7.83 -0.55 15.41
C GLN B 27 7.90 -1.96 14.82
N THR B 28 7.71 -2.09 13.51
CA THR B 28 7.74 -3.38 12.84
C THR B 28 9.14 -3.99 12.98
N LEU B 29 10.17 -3.16 12.79
CA LEU B 29 11.55 -3.64 12.87
C LEU B 29 11.88 -4.10 14.29
N LYS B 30 11.29 -3.43 15.28
CA LYS B 30 11.64 -3.66 16.68
C LYS B 30 11.01 -4.97 17.15
N GLY B 31 9.81 -5.32 16.66
CA GLY B 31 9.08 -6.44 17.21
C GLY B 31 8.39 -7.29 16.16
C ACE C 1 1.84 32.19 -8.06
O ACE C 1 2.32 32.75 -7.13
CH3 ACE C 1 0.46 31.59 -7.92
N GLY C 2 2.40 32.08 -9.27
CA GLY C 2 3.84 32.35 -9.53
C GLY C 2 4.63 31.05 -9.71
N GLU C 3 5.90 31.18 -10.08
CA GLU C 3 6.81 30.06 -10.21
C GLU C 3 6.93 29.34 -8.88
N ILE C 4 7.01 30.11 -7.77
CA ILE C 4 7.21 29.53 -6.46
C ILE C 4 6.02 28.65 -6.10
N ALA C 5 4.80 29.17 -6.29
CA ALA C 5 3.58 28.43 -5.97
C ALA C 5 3.49 27.16 -6.80
N GLN C 6 3.84 27.23 -8.08
CA GLN C 6 3.76 26.06 -8.94
C GLN C 6 4.77 25.00 -8.50
N THR C 7 5.98 25.47 -8.14
CA THR C 7 7.03 24.56 -7.71
C THR C 7 6.64 23.88 -6.40
N LEU C 8 6.04 24.64 -5.48
CA LEU C 8 5.58 24.06 -4.22
C LEU C 8 4.50 23.02 -4.48
N LYS C 9 3.61 23.25 -5.46
CA LYS C 9 2.59 22.26 -5.78
C LYS C 9 3.21 20.95 -6.26
N GLU C 10 4.29 21.06 -7.06
CA GLU C 10 4.99 19.90 -7.54
C GLU C 10 5.61 19.15 -6.34
N ILE C 11 6.20 19.91 -5.42
CA ILE C 11 6.78 19.34 -4.22
C ILE C 11 5.71 18.61 -3.41
N ALA C 12 4.54 19.21 -3.26
CA ALA C 12 3.44 18.61 -2.51
C ALA C 12 3.03 17.27 -3.14
N LYS C 13 2.94 17.24 -4.47
CA LYS C 13 2.54 16.04 -5.19
C LYS C 13 3.59 14.93 -4.98
N THR C 14 4.86 15.30 -5.10
CA THR C 14 5.96 14.36 -4.94
C THR C 14 6.00 13.80 -3.52
N LEU C 15 5.79 14.66 -2.53
CA LEU C 15 5.81 14.19 -1.15
C LEU C 15 4.66 13.22 -0.92
N LYS C 16 3.51 13.45 -1.55
CA LYS C 16 2.39 12.54 -1.42
C LYS C 16 2.74 11.16 -2.00
N GLU C 17 3.45 11.16 -3.14
CA GLU C 17 3.91 9.93 -3.76
C GLU C 17 4.87 9.20 -2.81
N GLN C 18 5.79 9.95 -2.20
CA GLN C 18 6.76 9.39 -1.27
C GLN C 18 6.05 8.79 -0.05
N ALA C 19 5.02 9.48 0.43
CA ALA C 19 4.25 9.02 1.57
C ALA C 19 3.60 7.67 1.28
N TRP C 20 3.06 7.52 0.07
CA TRP C 20 2.43 6.26 -0.34
C TRP C 20 3.48 5.16 -0.41
N THR C 21 4.65 5.46 -0.99
CA THR C 21 5.72 4.49 -1.09
C THR C 21 6.19 4.05 0.28
N LEU C 22 6.30 4.98 1.23
CA LEU C 22 6.69 4.60 2.59
C LEU C 22 5.67 3.64 3.20
N LYS C 23 4.37 3.89 2.93
CA LYS C 23 3.34 2.99 3.40
C LYS C 23 3.52 1.60 2.80
N GLU C 24 3.91 1.51 1.52
CA GLU C 24 4.19 0.25 0.88
C GLU C 24 5.35 -0.46 1.58
N ILE C 25 6.39 0.29 1.91
CA ILE C 25 7.55 -0.28 2.60
C ILE C 25 7.11 -0.82 3.95
N ALA C 26 6.33 -0.03 4.69
CA ALA C 26 5.85 -0.43 6.01
C ALA C 26 5.06 -1.73 5.91
N GLN C 27 4.20 -1.85 4.90
CA GLN C 27 3.36 -3.02 4.71
C GLN C 27 4.20 -4.23 4.37
N THR C 28 5.22 -4.05 3.53
CA THR C 28 6.09 -5.15 3.14
C THR C 28 6.84 -5.67 4.37
N LEU C 29 7.32 -4.77 5.22
CA LEU C 29 8.07 -5.16 6.41
C LEU C 29 7.16 -5.91 7.39
N LYS C 30 5.89 -5.49 7.44
CA LYS C 30 4.86 -6.10 8.27
C LYS C 30 4.43 -7.44 7.64
C ACE D 1 -1.34 -32.45 7.02
O ACE D 1 -1.94 -32.83 6.06
CH3 ACE D 1 -2.05 -32.36 8.37
N GLY D 2 -0.04 -32.05 6.98
CA GLY D 2 0.74 -32.10 5.73
C GLY D 2 0.86 -30.73 5.06
N GLU D 3 1.47 -30.73 3.88
CA GLU D 3 1.68 -29.52 3.09
C GLU D 3 0.34 -28.89 2.74
N ILE D 4 -0.65 -29.72 2.38
CA ILE D 4 -1.95 -29.22 1.96
C ILE D 4 -2.62 -28.49 3.12
N ALA D 5 -2.61 -29.08 4.32
CA ALA D 5 -3.24 -28.47 5.48
C ALA D 5 -2.56 -27.15 5.83
N GLN D 6 -1.23 -27.10 5.74
CA GLN D 6 -0.50 -25.89 6.07
C GLN D 6 -0.82 -24.80 5.04
N THR D 7 -0.89 -25.18 3.77
CA THR D 7 -1.16 -24.23 2.71
C THR D 7 -2.58 -23.68 2.84
N LEU D 8 -3.54 -24.53 3.18
CA LEU D 8 -4.91 -24.08 3.41
C LEU D 8 -4.96 -23.12 4.59
N LYS D 9 -4.16 -23.34 5.63
CA LYS D 9 -4.14 -22.42 6.77
C LYS D 9 -3.65 -21.04 6.33
N GLU D 10 -2.65 -21.02 5.44
CA GLU D 10 -2.13 -19.77 4.92
C GLU D 10 -3.23 -19.05 4.12
N ILE D 11 -3.95 -19.83 3.31
CA ILE D 11 -5.04 -19.29 2.51
C ILE D 11 -6.11 -18.71 3.45
N ALA D 12 -6.44 -19.42 4.51
CA ALA D 12 -7.46 -18.98 5.47
C ALA D 12 -7.04 -17.65 6.09
N LYS D 13 -5.76 -17.52 6.46
CA LYS D 13 -5.25 -16.31 7.10
C LYS D 13 -5.33 -15.14 6.13
N THR D 14 -4.92 -15.38 4.88
CA THR D 14 -4.94 -14.35 3.85
C THR D 14 -6.36 -13.89 3.56
N LEU D 15 -7.30 -14.83 3.47
CA LEU D 15 -8.68 -14.46 3.20
C LEU D 15 -9.24 -13.63 4.34
N LYS D 16 -8.84 -13.94 5.58
CA LYS D 16 -9.30 -13.16 6.72
C LYS D 16 -8.77 -11.74 6.63
N GLU D 17 -7.52 -11.57 6.18
CA GLU D 17 -6.94 -10.25 5.99
C GLU D 17 -7.72 -9.49 4.91
N GLN D 18 -8.06 -10.18 3.82
CA GLN D 18 -8.80 -9.59 2.72
C GLN D 18 -10.18 -9.12 3.20
N ALA D 19 -10.81 -9.97 4.02
CA ALA D 19 -12.13 -9.69 4.57
C ALA D 19 -12.10 -8.41 5.41
N TRP D 20 -11.05 -8.24 6.20
CA TRP D 20 -10.90 -7.07 7.04
C TRP D 20 -10.67 -5.83 6.18
N THR D 21 -9.87 -5.95 5.13
CA THR D 21 -9.63 -4.84 4.22
C THR D 21 -10.92 -4.41 3.54
N LEU D 22 -11.75 -5.39 3.13
CA LEU D 22 -13.03 -5.05 2.52
C LEU D 22 -13.92 -4.27 3.51
N LYS D 23 -13.88 -4.68 4.78
CA LYS D 23 -14.61 -3.98 5.82
C LYS D 23 -14.11 -2.55 5.96
N GLU D 24 -12.81 -2.32 5.85
CA GLU D 24 -12.24 -0.99 5.88
C GLU D 24 -12.77 -0.18 4.72
N ILE D 25 -12.83 -0.78 3.53
CA ILE D 25 -13.35 -0.08 2.35
C ILE D 25 -14.81 0.31 2.60
N ALA D 26 -15.61 -0.64 3.11
CA ALA D 26 -17.02 -0.38 3.38
C ALA D 26 -17.17 0.80 4.35
N GLN D 27 -16.34 0.83 5.38
CA GLN D 27 -16.39 1.87 6.41
C GLN D 27 -16.01 3.22 5.81
N THR D 28 -14.99 3.24 4.95
CA THR D 28 -14.52 4.47 4.33
C THR D 28 -15.64 5.03 3.44
N LEU D 29 -16.32 4.17 2.68
CA LEU D 29 -17.36 4.62 1.77
C LEU D 29 -18.54 5.17 2.56
N LYS D 30 -18.80 4.61 3.74
CA LYS D 30 -19.97 4.97 4.51
C LYS D 30 -19.77 6.33 5.16
N GLY D 31 -18.55 6.65 5.58
CA GLY D 31 -18.32 7.84 6.38
N GLY E 2 2.58 34.97 10.86
CA GLY E 2 1.51 34.73 9.88
C GLY E 2 1.34 33.24 9.55
N GLU E 3 0.44 32.95 8.62
CA GLU E 3 0.06 31.56 8.31
C GLU E 3 1.28 30.78 7.81
N ILE E 4 2.10 31.44 6.96
CA ILE E 4 3.23 30.75 6.36
C ILE E 4 4.24 30.38 7.44
N ALA E 5 4.53 31.33 8.33
CA ALA E 5 5.49 31.08 9.42
C ALA E 5 5.00 29.96 10.32
N GLN E 6 3.71 29.93 10.63
CA GLN E 6 3.16 28.90 11.51
C GLN E 6 3.24 27.54 10.83
N THR E 7 2.94 27.50 9.53
CA THR E 7 2.96 26.25 8.79
C THR E 7 4.39 25.71 8.70
N LEU E 8 5.36 26.61 8.48
CA LEU E 8 6.75 26.19 8.45
C LEU E 8 7.18 25.64 9.81
N LYS E 9 6.69 26.23 10.91
CA LYS E 9 7.02 25.74 12.23
C LYS E 9 6.50 24.33 12.44
N GLU E 10 5.29 24.05 11.90
CA GLU E 10 4.72 22.72 11.99
C GLU E 10 5.59 21.73 11.22
N ILE E 11 6.03 22.16 10.03
CA ILE E 11 6.91 21.34 9.22
C ILE E 11 8.20 21.02 9.98
N ALA E 12 8.78 22.05 10.62
CA ALA E 12 10.02 21.89 11.35
C ALA E 12 9.86 20.88 12.48
N LYS E 13 8.73 20.96 13.20
CA LYS E 13 8.46 20.08 14.33
C LYS E 13 8.32 18.63 13.83
N THR E 14 7.57 18.46 12.74
CA THR E 14 7.34 17.14 12.17
C THR E 14 8.65 16.52 11.68
N LEU E 15 9.50 17.33 11.03
CA LEU E 15 10.77 16.80 10.56
C LEU E 15 11.64 16.36 11.73
N LYS E 16 11.57 17.09 12.86
CA LYS E 16 12.35 16.72 14.03
C LYS E 16 11.86 15.37 14.57
N GLU E 17 10.54 15.16 14.56
CA GLU E 17 9.96 13.89 14.99
C GLU E 17 10.44 12.76 14.08
N GLN E 18 10.45 13.02 12.77
CA GLN E 18 10.87 12.03 11.78
C GLN E 18 12.33 11.69 12.00
N ALA E 19 13.15 12.71 12.30
CA ALA E 19 14.58 12.52 12.54
C ALA E 19 14.80 11.58 13.71
N TRP E 20 14.03 11.75 14.79
CA TRP E 20 14.14 10.89 15.95
C TRP E 20 13.75 9.44 15.60
N THR E 21 12.66 9.30 14.84
CA THR E 21 12.20 7.98 14.44
C THR E 21 13.24 7.29 13.55
N LEU E 22 13.88 8.04 12.66
CA LEU E 22 14.92 7.48 11.80
C LEU E 22 16.09 6.98 12.65
N LYS E 23 16.42 7.72 13.72
CA LYS E 23 17.48 7.30 14.62
C LYS E 23 17.09 5.99 15.30
N GLU E 24 15.82 5.83 15.68
CA GLU E 24 15.34 4.58 16.24
C GLU E 24 15.52 3.44 15.24
N ILE E 25 15.17 3.70 13.99
CA ILE E 25 15.31 2.69 12.94
C ILE E 25 16.79 2.31 12.79
N ALA E 26 17.67 3.30 12.75
CA ALA E 26 19.10 3.07 12.60
C ALA E 26 19.61 2.18 13.74
N GLN E 27 19.16 2.47 14.97
CA GLN E 27 19.60 1.73 16.14
C GLN E 27 19.11 0.29 16.06
N THR E 28 17.85 0.11 15.65
CA THR E 28 17.25 -1.22 15.55
C THR E 28 18.01 -2.05 14.53
N LEU E 29 18.37 -1.45 13.39
CA LEU E 29 19.05 -2.17 12.32
C LEU E 29 20.44 -2.59 12.78
N LYS E 30 21.06 -1.76 13.62
CA LYS E 30 22.45 -1.98 14.00
C LYS E 30 22.53 -3.12 15.00
N GLY E 31 21.54 -3.21 15.90
CA GLY E 31 21.66 -4.16 17.00
C GLY E 31 20.32 -4.37 17.67
N NH2 E 32 19.27 -4.19 16.90
N GLY F 2 19.73 37.05 0.38
CA GLY F 2 19.29 37.14 1.79
C GLY F 2 19.52 35.83 2.54
N GLU F 3 19.26 35.87 3.84
CA GLU F 3 19.44 34.72 4.71
C GLU F 3 18.51 33.60 4.26
N ILE F 4 17.27 33.93 3.89
CA ILE F 4 16.30 32.91 3.51
C ILE F 4 16.76 32.20 2.25
N ALA F 5 17.22 32.95 1.24
CA ALA F 5 17.69 32.33 0.00
C ALA F 5 18.89 31.39 0.26
N GLN F 6 19.80 31.84 1.14
CA GLN F 6 20.99 31.03 1.45
C GLN F 6 20.56 29.76 2.20
N THR F 7 19.61 29.90 3.12
CA THR F 7 19.15 28.76 3.91
C THR F 7 18.43 27.77 3.01
N LEU F 8 17.65 28.23 2.04
CA LEU F 8 17.00 27.33 1.09
C LEU F 8 18.06 26.58 0.27
N LYS F 9 19.15 27.25 -0.10
CA LYS F 9 20.21 26.59 -0.84
C LYS F 9 20.84 25.47 0.00
N GLU F 10 20.99 25.70 1.31
CA GLU F 10 21.52 24.71 2.22
C GLU F 10 20.57 23.52 2.29
N ILE F 11 19.27 23.80 2.37
CA ILE F 11 18.26 22.75 2.38
C ILE F 11 18.37 21.93 1.09
N ALA F 12 18.52 22.60 -0.06
CA ALA F 12 18.62 21.91 -1.33
C ALA F 12 19.83 20.97 -1.35
N LYS F 13 20.97 21.44 -0.83
CA LYS F 13 22.21 20.69 -0.80
C LYS F 13 22.02 19.44 0.09
N THR F 14 21.41 19.63 1.25
CA THR F 14 21.21 18.57 2.20
C THR F 14 20.28 17.50 1.63
N LEU F 15 19.20 17.94 0.97
CA LEU F 15 18.27 16.99 0.39
C LEU F 15 18.97 16.17 -0.70
N LYS F 16 19.87 16.81 -1.46
CA LYS F 16 20.61 16.10 -2.49
C LYS F 16 21.52 15.04 -1.87
N GLU F 17 22.14 15.35 -0.73
CA GLU F 17 22.96 14.40 -0.01
C GLU F 17 22.13 13.22 0.45
N GLN F 18 20.92 13.50 0.98
CA GLN F 18 20.03 12.46 1.45
C GLN F 18 19.64 11.55 0.29
N ALA F 19 19.36 12.17 -0.87
CA ALA F 19 18.96 11.43 -2.05
C ALA F 19 20.06 10.46 -2.49
N TRP F 20 21.32 10.90 -2.42
CA TRP F 20 22.45 10.05 -2.78
C TRP F 20 22.58 8.88 -1.81
N THR F 21 22.43 9.18 -0.51
CA THR F 21 22.52 8.14 0.49
C THR F 21 21.42 7.10 0.28
N LEU F 22 20.19 7.55 -0.05
CA LEU F 22 19.11 6.62 -0.30
C LEU F 22 19.42 5.72 -1.49
N LYS F 23 20.07 6.28 -2.51
CA LYS F 23 20.49 5.49 -3.66
C LYS F 23 21.47 4.39 -3.24
N GLU F 24 22.41 4.75 -2.35
CA GLU F 24 23.33 3.77 -1.82
C GLU F 24 22.59 2.66 -1.09
N ILE F 25 21.61 3.04 -0.27
CA ILE F 25 20.83 2.07 0.49
C ILE F 25 20.11 1.13 -0.49
N ALA F 26 19.48 1.70 -1.52
CA ALA F 26 18.74 0.91 -2.49
C ALA F 26 19.66 -0.11 -3.16
N GLN F 27 20.88 0.33 -3.51
CA GLN F 27 21.84 -0.53 -4.18
C GLN F 27 22.29 -1.66 -3.25
N THR F 28 22.53 -1.33 -1.98
CA THR F 28 22.97 -2.31 -1.00
C THR F 28 21.89 -3.37 -0.80
N LEU F 29 20.62 -2.95 -0.71
CA LEU F 29 19.53 -3.87 -0.50
C LEU F 29 19.38 -4.82 -1.69
N LYS F 30 19.67 -4.31 -2.89
CA LYS F 30 19.41 -5.04 -4.11
C LYS F 30 20.46 -6.13 -4.28
N GLY F 31 21.71 -5.86 -3.89
CA GLY F 31 22.80 -6.78 -4.18
C GLY F 31 24.02 -6.43 -3.37
C ACE G 1 -11.87 -33.98 9.92
O ACE G 1 -11.45 -34.53 8.96
CH3 ACE G 1 -13.38 -33.85 10.14
N GLY G 2 -11.07 -33.44 10.85
CA GLY G 2 -9.61 -33.32 10.69
C GLY G 2 -9.16 -31.89 10.39
N GLU G 3 -7.86 -31.68 10.27
CA GLU G 3 -7.29 -30.34 10.15
C GLU G 3 -7.80 -29.66 8.87
N ILE G 4 -7.87 -30.45 7.78
CA ILE G 4 -8.25 -29.90 6.49
C ILE G 4 -9.70 -29.45 6.56
N ALA G 5 -10.57 -30.29 7.12
CA ALA G 5 -11.99 -29.96 7.23
C ALA G 5 -12.19 -28.70 8.07
N GLN G 6 -11.45 -28.58 9.17
CA GLN G 6 -11.58 -27.43 10.05
C GLN G 6 -11.10 -26.17 9.34
N THR G 7 -10.01 -26.28 8.59
CA THR G 7 -9.46 -25.14 7.89
C THR G 7 -10.43 -24.67 6.79
N LEU G 8 -11.03 -25.63 6.08
CA LEU G 8 -12.02 -25.29 5.07
C LEU G 8 -13.22 -24.60 5.70
N LYS G 9 -13.63 -25.02 6.90
CA LYS G 9 -14.76 -24.37 7.57
C LYS G 9 -14.43 -22.92 7.89
N GLU G 10 -13.18 -22.66 8.28
CA GLU G 10 -12.75 -21.30 8.57
C GLU G 10 -12.81 -20.47 7.29
N ILE G 11 -12.34 -21.07 6.18
CA ILE G 11 -12.39 -20.40 4.90
C ILE G 11 -13.83 -20.06 4.53
N ALA G 12 -14.74 -21.02 4.72
CA ALA G 12 -16.15 -20.84 4.40
C ALA G 12 -16.73 -19.68 5.18
N LYS G 13 -16.42 -19.61 6.47
CA LYS G 13 -16.94 -18.57 7.36
C LYS G 13 -16.43 -17.21 6.91
N THR G 14 -15.13 -17.12 6.58
CA THR G 14 -14.52 -15.88 6.16
C THR G 14 -15.13 -15.41 4.84
N LEU G 15 -15.34 -16.33 3.89
CA LEU G 15 -15.91 -15.94 2.62
C LEU G 15 -17.33 -15.40 2.82
N LYS G 16 -18.07 -15.99 3.77
CA LYS G 16 -19.42 -15.52 4.05
C LYS G 16 -19.38 -14.10 4.61
N GLU G 17 -18.40 -13.82 5.46
CA GLU G 17 -18.21 -12.48 6.00
C GLU G 17 -17.89 -11.50 4.89
N GLN G 18 -17.02 -11.90 3.96
CA GLN G 18 -16.63 -11.06 2.84
C GLN G 18 -17.86 -10.76 1.96
N ALA G 19 -18.69 -11.78 1.76
CA ALA G 19 -19.89 -11.64 0.95
C ALA G 19 -20.84 -10.60 1.56
N TRP G 20 -20.98 -10.61 2.88
CA TRP G 20 -21.83 -9.64 3.58
C TRP G 20 -21.24 -8.24 3.43
N THR G 21 -19.91 -8.12 3.57
CA THR G 21 -19.26 -6.82 3.45
C THR G 21 -19.44 -6.28 2.05
N LEU G 22 -19.33 -7.14 1.03
CA LEU G 22 -19.54 -6.69 -0.34
C LEU G 22 -20.96 -6.17 -0.52
N LYS G 23 -21.94 -6.82 0.10
CA LYS G 23 -23.32 -6.35 0.05
C LYS G 23 -23.44 -4.95 0.67
N GLU G 24 -22.73 -4.72 1.79
CA GLU G 24 -22.70 -3.40 2.39
C GLU G 24 -22.13 -2.37 1.42
N ILE G 25 -21.02 -2.74 0.75
CA ILE G 25 -20.38 -1.85 -0.19
C ILE G 25 -21.36 -1.53 -1.32
N ALA G 26 -22.03 -2.55 -1.86
CA ALA G 26 -22.96 -2.39 -2.97
C ALA G 26 -24.06 -1.42 -2.57
N GLN G 27 -24.58 -1.57 -1.35
CA GLN G 27 -25.67 -0.73 -0.87
C GLN G 27 -25.20 0.72 -0.74
N THR G 28 -23.99 0.90 -0.20
CA THR G 28 -23.44 2.22 0.01
C THR G 28 -23.26 2.94 -1.33
N LEU G 29 -22.75 2.22 -2.33
CA LEU G 29 -22.50 2.80 -3.64
C LEU G 29 -23.80 3.19 -4.31
N LYS G 30 -24.86 2.42 -4.06
CA LYS G 30 -26.11 2.62 -4.76
C LYS G 30 -26.83 3.84 -4.22
N GLY G 31 -26.73 4.06 -2.91
CA GLY G 31 -27.55 5.10 -2.29
C GLY G 31 -27.01 5.46 -0.93
C ACE H 1 -5.53 -35.69 -10.63
O ACE H 1 -6.44 -35.40 -9.91
CH3 ACE H 1 -4.12 -35.82 -10.10
N GLY H 2 -5.67 -35.85 -11.95
CA GLY H 2 -7.01 -36.03 -12.55
C GLY H 2 -7.83 -34.74 -12.56
N GLU H 3 -9.16 -34.91 -12.48
CA GLU H 3 -10.09 -33.81 -12.61
C GLU H 3 -9.85 -32.78 -11.52
N ILE H 4 -9.58 -33.22 -10.29
CA ILE H 4 -9.43 -32.31 -9.17
C ILE H 4 -8.21 -31.42 -9.40
N ALA H 5 -7.09 -32.01 -9.80
CA ALA H 5 -5.86 -31.26 -10.03
C ALA H 5 -6.06 -30.24 -11.15
N GLN H 6 -6.76 -30.65 -12.21
CA GLN H 6 -7.00 -29.76 -13.34
C GLN H 6 -7.91 -28.60 -12.90
N THR H 7 -8.93 -28.90 -12.11
CA THR H 7 -9.86 -27.88 -11.66
C THR H 7 -9.16 -26.88 -10.75
N LEU H 8 -8.27 -27.37 -9.87
CA LEU H 8 -7.52 -26.46 -9.02
C LEU H 8 -6.62 -25.55 -9.86
N LYS H 9 -6.04 -26.10 -10.94
CA LYS H 9 -5.20 -25.28 -11.81
C LYS H 9 -6.01 -24.17 -12.47
N GLU H 10 -7.25 -24.48 -12.86
CA GLU H 10 -8.15 -23.49 -13.45
C GLU H 10 -8.44 -22.41 -12.42
N ILE H 11 -8.70 -22.82 -11.18
CA ILE H 11 -8.96 -21.87 -10.11
C ILE H 11 -7.74 -20.95 -9.93
N ALA H 12 -6.54 -21.54 -9.93
CA ALA H 12 -5.32 -20.77 -9.75
C ALA H 12 -5.16 -19.72 -10.86
N LYS H 13 -5.44 -20.13 -12.10
CA LYS H 13 -5.30 -19.26 -13.26
C LYS H 13 -6.28 -18.10 -13.16
N THR H 14 -7.52 -18.41 -12.80
CA THR H 14 -8.57 -17.41 -12.70
C THR H 14 -8.25 -16.42 -11.59
N LEU H 15 -7.76 -16.91 -10.45
CA LEU H 15 -7.42 -16.01 -9.35
C LEU H 15 -6.30 -15.07 -9.79
N LYS H 16 -5.34 -15.56 -10.58
CA LYS H 16 -4.26 -14.72 -11.05
C LYS H 16 -4.81 -13.61 -11.96
N GLU H 17 -5.78 -13.96 -12.82
CA GLU H 17 -6.42 -12.99 -13.68
C GLU H 17 -7.14 -11.93 -12.84
N GLN H 18 -7.84 -12.37 -11.79
CA GLN H 18 -8.57 -11.47 -10.91
C GLN H 18 -7.60 -10.53 -10.21
N ALA H 19 -6.45 -11.07 -9.78
CA ALA H 19 -5.43 -10.29 -9.10
C ALA H 19 -4.94 -9.15 -10.00
N TRP H 20 -4.73 -9.44 -11.28
CA TRP H 20 -4.29 -8.42 -12.22
C TRP H 20 -5.38 -7.36 -12.43
N THR H 21 -6.63 -7.80 -12.54
CA THR H 21 -7.73 -6.87 -12.69
C THR H 21 -7.85 -5.96 -11.47
N LEU H 22 -7.67 -6.52 -10.26
CA LEU H 22 -7.73 -5.70 -9.06
C LEU H 22 -6.61 -4.66 -9.06
N LYS H 23 -5.43 -5.03 -9.57
CA LYS H 23 -4.32 -4.10 -9.69
C LYS H 23 -4.71 -2.97 -10.64
N GLU H 24 -5.41 -3.27 -11.73
CA GLU H 24 -5.88 -2.25 -12.65
C GLU H 24 -6.83 -1.29 -11.93
N ILE H 25 -7.75 -1.85 -11.13
CA ILE H 25 -8.69 -1.04 -10.38
C ILE H 25 -7.92 -0.11 -9.42
N ALA H 26 -6.94 -0.68 -8.70
CA ALA H 26 -6.16 0.08 -7.74
C ALA H 26 -5.45 1.24 -8.43
N GLN H 27 -4.89 0.98 -9.63
CA GLN H 27 -4.15 1.99 -10.38
C GLN H 27 -5.09 3.09 -10.83
N THR H 28 -6.28 2.71 -11.30
CA THR H 28 -7.26 3.68 -11.76
C THR H 28 -7.68 4.59 -10.61
N LEU H 29 -7.89 4.02 -9.43
CA LEU H 29 -8.34 4.80 -8.27
C LEU H 29 -7.24 5.75 -7.82
N LYS H 30 -5.98 5.35 -7.99
CA LYS H 30 -4.85 6.11 -7.50
C LYS H 30 -4.62 7.33 -8.37
N GLY H 31 -4.84 7.21 -9.68
CA GLY H 31 -4.45 8.27 -10.60
C GLY H 31 -5.48 8.54 -11.68
C ACE I 1 2.54 -32.97 -2.88
O ACE I 1 1.58 -33.53 -2.43
CH3 ACE I 1 3.49 -32.21 -1.99
N GLY I 2 2.89 -33.01 -4.16
CA GLY I 2 2.01 -33.40 -5.28
C GLY I 2 1.52 -32.18 -6.07
N GLU I 3 0.81 -32.45 -7.16
CA GLU I 3 0.28 -31.40 -8.02
C GLU I 3 -0.67 -30.50 -7.22
N ILE I 4 -1.51 -31.12 -6.38
CA ILE I 4 -2.51 -30.39 -5.63
C ILE I 4 -1.82 -29.42 -4.66
N ALA I 5 -0.82 -29.90 -3.93
CA ALA I 5 -0.09 -29.08 -2.98
C ALA I 5 0.58 -27.89 -3.67
N GLN I 6 1.18 -28.14 -4.84
CA GLN I 6 1.87 -27.09 -5.56
C GLN I 6 0.86 -26.05 -6.05
N THR I 7 -0.28 -26.52 -6.54
CA THR I 7 -1.30 -25.62 -7.07
C THR I 7 -1.88 -24.77 -5.93
N LEU I 8 -2.09 -25.37 -4.76
CA LEU I 8 -2.58 -24.62 -3.61
C LEU I 8 -1.56 -23.57 -3.19
N LYS I 9 -0.26 -23.87 -3.29
CA LYS I 9 0.75 -22.87 -2.95
C LYS I 9 0.66 -21.67 -3.88
N GLU I 10 0.40 -21.93 -5.17
CA GLU I 10 0.25 -20.87 -6.14
C GLU I 10 -0.98 -20.02 -5.78
N ILE I 11 -2.06 -20.69 -5.41
CA ILE I 11 -3.28 -20.01 -4.99
C ILE I 11 -2.99 -19.13 -3.78
N ALA I 12 -2.23 -19.64 -2.81
CA ALA I 12 -1.91 -18.90 -1.60
C ALA I 12 -1.12 -17.64 -1.94
N LYS I 13 -0.15 -17.76 -2.87
CA LYS I 13 0.68 -16.64 -3.28
C LYS I 13 -0.17 -15.56 -3.96
N THR I 14 -1.05 -16.02 -4.86
CA THR I 14 -1.91 -15.11 -5.60
C THR I 14 -2.88 -14.39 -4.67
N LEU I 15 -3.44 -15.10 -3.70
CA LEU I 15 -4.37 -14.47 -2.77
C LEU I 15 -3.64 -13.43 -1.94
N LYS I 16 -2.36 -13.68 -1.59
CA LYS I 16 -1.60 -12.69 -0.84
C LYS I 16 -1.39 -11.43 -1.67
N GLU I 17 -1.14 -11.60 -2.98
CA GLU I 17 -1.00 -10.48 -3.89
C GLU I 17 -2.31 -9.67 -3.94
N GLN I 18 -3.43 -10.39 -4.04
CA GLN I 18 -4.75 -9.78 -4.10
C GLN I 18 -5.02 -8.99 -2.82
N ALA I 19 -4.64 -9.57 -1.68
CA ALA I 19 -4.82 -8.94 -0.38
C ALA I 19 -4.08 -7.61 -0.32
N TRP I 20 -2.86 -7.57 -0.84
CA TRP I 20 -2.06 -6.35 -0.85
C TRP I 20 -2.72 -5.30 -1.75
N THR I 21 -3.20 -5.73 -2.92
CA THR I 21 -3.86 -4.81 -3.83
C THR I 21 -5.13 -4.25 -3.21
N LEU I 22 -5.90 -5.06 -2.47
CA LEU I 22 -7.08 -4.58 -1.80
C LEU I 22 -6.71 -3.51 -0.76
N LYS I 23 -5.59 -3.72 -0.07
CA LYS I 23 -5.10 -2.73 0.89
C LYS I 23 -4.77 -1.42 0.18
N GLU I 24 -4.20 -1.49 -1.02
CA GLU I 24 -3.93 -0.30 -1.81
C GLU I 24 -5.24 0.42 -2.15
N ILE I 25 -6.25 -0.34 -2.55
CA ILE I 25 -7.54 0.24 -2.87
C ILE I 25 -8.11 0.95 -1.63
N ALA I 26 -8.06 0.27 -0.49
CA ALA I 26 -8.57 0.83 0.76
C ALA I 26 -7.87 2.15 1.08
N GLN I 27 -6.55 2.18 0.90
CA GLN I 27 -5.74 3.36 1.21
C GLN I 27 -6.11 4.51 0.26
N THR I 28 -6.30 4.19 -1.02
CA THR I 28 -6.64 5.20 -2.01
C THR I 28 -7.99 5.83 -1.69
N LEU I 29 -8.96 5.00 -1.27
CA LEU I 29 -10.29 5.48 -0.94
C LEU I 29 -10.24 6.39 0.30
N LYS I 30 -9.35 6.04 1.22
CA LYS I 30 -9.10 6.78 2.45
C LYS I 30 -8.32 8.05 2.12
C ACE J 1 -16.64 -37.64 -9.46
O ACE J 1 -17.68 -37.80 -10.03
CH3 ACE J 1 -15.32 -37.54 -10.20
N GLY J 2 -16.49 -37.51 -8.15
CA GLY J 2 -17.59 -37.48 -7.18
C GLY J 2 -18.01 -36.06 -6.82
N GLU J 3 -18.72 -35.94 -5.68
CA GLU J 3 -19.35 -34.70 -5.27
C GLU J 3 -18.29 -33.62 -5.11
N ILE J 4 -17.13 -33.96 -4.52
CA ILE J 4 -16.12 -32.94 -4.24
C ILE J 4 -15.57 -32.38 -5.55
N ALA J 5 -15.27 -33.27 -6.50
CA ALA J 5 -14.74 -32.82 -7.80
C ALA J 5 -15.75 -31.91 -8.51
N GLN J 6 -17.03 -32.28 -8.45
CA GLN J 6 -18.07 -31.51 -9.12
C GLN J 6 -18.20 -30.14 -8.44
N THR J 7 -18.14 -30.11 -7.11
CA THR J 7 -18.28 -28.87 -6.36
C THR J 7 -17.09 -27.95 -6.67
N LEU J 8 -15.88 -28.50 -6.77
CA LEU J 8 -14.73 -27.69 -7.14
C LEU J 8 -14.90 -27.11 -8.55
N LYS J 9 -15.49 -27.88 -9.47
CA LYS J 9 -15.73 -27.38 -10.81
C LYS J 9 -16.71 -26.20 -10.79
N GLU J 10 -17.71 -26.26 -9.92
CA GLU J 10 -18.67 -25.18 -9.76
C GLU J 10 -17.96 -23.94 -9.23
N ILE J 11 -17.07 -24.15 -8.26
CA ILE J 11 -16.28 -23.04 -7.71
C ILE J 11 -15.46 -22.39 -8.83
N ALA J 12 -14.81 -23.23 -9.67
CA ALA J 12 -13.99 -22.73 -10.75
C ALA J 12 -14.82 -21.87 -11.71
N LYS J 13 -16.03 -22.34 -12.05
CA LYS J 13 -16.90 -21.67 -12.99
C LYS J 13 -17.33 -20.32 -12.42
N THR J 14 -17.70 -20.31 -11.13
CA THR J 14 -18.16 -19.11 -10.48
C THR J 14 -17.04 -18.07 -10.41
N LEU J 15 -15.80 -18.52 -10.08
CA LEU J 15 -14.70 -17.60 -10.00
C LEU J 15 -14.44 -16.97 -11.37
N LYS J 16 -14.61 -17.75 -12.44
CA LYS J 16 -14.41 -17.23 -13.79
C LYS J 16 -15.44 -16.13 -14.09
N GLU J 17 -16.68 -16.35 -13.65
CA GLU J 17 -17.74 -15.37 -13.84
C GLU J 17 -17.40 -14.08 -13.07
N GLN J 18 -16.91 -14.25 -11.84
CA GLN J 18 -16.53 -13.11 -10.99
C GLN J 18 -15.39 -12.33 -11.63
N ALA J 19 -14.43 -13.05 -12.22
CA ALA J 19 -13.29 -12.43 -12.87
C ALA J 19 -13.75 -11.54 -14.02
N TRP J 20 -14.73 -12.01 -14.79
CA TRP J 20 -15.27 -11.23 -15.90
C TRP J 20 -15.99 -9.97 -15.37
N THR J 21 -16.76 -10.14 -14.30
CA THR J 21 -17.45 -9.01 -13.72
C THR J 21 -16.46 -7.96 -13.19
N LEU J 22 -15.37 -8.41 -12.57
CA LEU J 22 -14.35 -7.49 -12.09
C LEU J 22 -13.75 -6.71 -13.25
N LYS J 23 -13.55 -7.38 -14.40
CA LYS J 23 -13.05 -6.71 -15.58
C LYS J 23 -14.02 -5.63 -16.05
N GLU J 24 -15.33 -5.90 -15.97
CA GLU J 24 -16.33 -4.91 -16.31
C GLU J 24 -16.22 -3.71 -15.38
N ILE J 25 -16.04 -3.97 -14.08
CA ILE J 25 -15.92 -2.90 -13.11
C ILE J 25 -14.69 -2.06 -13.43
N ALA J 26 -13.55 -2.72 -13.71
CA ALA J 26 -12.31 -2.03 -14.02
C ALA J 26 -12.51 -1.11 -15.22
N GLN J 27 -13.21 -1.61 -16.25
CA GLN J 27 -13.42 -0.86 -17.47
C GLN J 27 -14.31 0.35 -17.19
N THR J 28 -15.36 0.16 -16.39
CA THR J 28 -16.29 1.23 -16.05
C THR J 28 -15.55 2.34 -15.31
N LEU J 29 -14.68 1.96 -14.35
CA LEU J 29 -13.97 2.94 -13.54
C LEU J 29 -12.99 3.73 -14.41
N LYS J 30 -12.42 3.05 -15.41
CA LYS J 30 -11.54 3.65 -16.39
C LYS J 30 -12.32 4.51 -17.39
N GLY K 2 14.31 34.11 -10.11
CA GLY K 2 15.44 34.45 -9.22
C GLY K 2 16.06 33.22 -8.59
N GLU K 3 16.97 33.48 -7.64
CA GLU K 3 17.70 32.44 -6.95
C GLU K 3 16.73 31.53 -6.20
N ILE K 4 15.70 32.11 -5.57
CA ILE K 4 14.78 31.32 -4.76
C ILE K 4 14.02 30.35 -5.66
N ALA K 5 13.51 30.83 -6.80
CA ALA K 5 12.77 29.98 -7.72
C ALA K 5 13.63 28.84 -8.23
N GLN K 6 14.90 29.13 -8.55
CA GLN K 6 15.80 28.12 -9.07
C GLN K 6 16.08 27.07 -7.97
N THR K 7 16.29 27.54 -6.74
CA THR K 7 16.60 26.64 -5.64
C THR K 7 15.40 25.74 -5.35
N LEU K 8 14.18 26.30 -5.40
CA LEU K 8 13.00 25.48 -5.19
C LEU K 8 12.87 24.42 -6.27
N LYS K 9 13.22 24.77 -7.51
CA LYS K 9 13.15 23.81 -8.59
C LYS K 9 14.12 22.67 -8.36
N GLU K 10 15.31 22.98 -7.82
CA GLU K 10 16.30 21.96 -7.51
C GLU K 10 15.76 21.05 -6.43
N ILE K 11 15.12 21.63 -5.41
CA ILE K 11 14.51 20.85 -4.35
C ILE K 11 13.46 19.92 -4.92
N ALA K 12 12.62 20.43 -5.82
CA ALA K 12 11.56 19.64 -6.43
C ALA K 12 12.15 18.45 -7.19
N LYS K 13 13.22 18.69 -7.94
CA LYS K 13 13.86 17.68 -8.75
C LYS K 13 14.45 16.60 -7.85
N THR K 14 15.13 17.02 -6.79
CA THR K 14 15.77 16.11 -5.86
C THR K 14 14.72 15.25 -5.16
N LEU K 15 13.60 15.86 -4.74
CA LEU K 15 12.58 15.09 -4.06
C LEU K 15 12.00 14.05 -5.01
N LYS K 16 11.87 14.39 -6.29
CA LYS K 16 11.36 13.43 -7.26
C LYS K 16 12.32 12.25 -7.40
N GLU K 17 13.62 12.53 -7.40
CA GLU K 17 14.64 11.50 -7.45
C GLU K 17 14.54 10.60 -6.23
N GLN K 18 14.36 11.20 -5.05
CA GLN K 18 14.25 10.46 -3.80
C GLN K 18 13.03 9.56 -3.83
N ALA K 19 11.92 10.10 -4.37
CA ALA K 19 10.67 9.35 -4.47
C ALA K 19 10.87 8.10 -5.31
N TRP K 20 11.60 8.23 -6.42
CA TRP K 20 11.87 7.10 -7.29
C TRP K 20 12.76 6.07 -6.58
N THR K 21 13.77 6.54 -5.87
CA THR K 21 14.64 5.64 -5.12
C THR K 21 13.87 4.89 -4.06
N LEU K 22 12.95 5.57 -3.37
CA LEU K 22 12.13 4.87 -2.38
C LEU K 22 11.28 3.79 -3.02
N LYS K 23 10.78 4.06 -4.22
CA LYS K 23 10.01 3.06 -4.97
C LYS K 23 10.88 1.85 -5.30
N GLU K 24 12.15 2.08 -5.65
CA GLU K 24 13.09 1.00 -5.88
C GLU K 24 13.27 0.16 -4.62
N ILE K 25 13.41 0.85 -3.47
CA ILE K 25 13.59 0.15 -2.21
C ILE K 25 12.34 -0.69 -1.92
N ALA K 26 11.15 -0.10 -2.11
CA ALA K 26 9.89 -0.79 -1.85
C ALA K 26 9.81 -2.05 -2.71
N GLN K 27 10.21 -1.95 -3.98
CA GLN K 27 10.14 -3.07 -4.91
C GLN K 27 11.11 -4.16 -4.49
N THR K 28 12.31 -3.77 -4.06
CA THR K 28 13.32 -4.72 -3.64
C THR K 28 12.83 -5.49 -2.42
N LEU K 29 12.21 -4.79 -1.46
CA LEU K 29 11.75 -5.41 -0.24
C LEU K 29 10.60 -6.39 -0.54
N LYS K 30 9.79 -6.08 -1.54
CA LYS K 30 8.59 -6.83 -1.85
C LYS K 30 8.97 -8.16 -2.52
N GLY K 31 10.02 -8.14 -3.34
N GLY L 2 -19.27 -36.11 3.23
CA GLY L 2 -18.90 -35.75 4.62
C GLY L 2 -18.74 -34.24 4.81
N GLU L 3 -18.03 -33.87 5.87
CA GLU L 3 -17.89 -32.49 6.29
C GLU L 3 -17.22 -31.69 5.18
N ILE L 4 -16.19 -32.27 4.53
CA ILE L 4 -15.44 -31.53 3.53
C ILE L 4 -16.35 -31.20 2.34
N ALA L 5 -17.13 -32.19 1.88
CA ALA L 5 -18.02 -31.96 0.74
C ALA L 5 -19.05 -30.89 1.06
N GLN L 6 -19.60 -30.93 2.29
CA GLN L 6 -20.61 -29.96 2.68
C GLN L 6 -19.99 -28.57 2.74
N THR L 7 -18.78 -28.47 3.29
CA THR L 7 -18.11 -27.19 3.44
C THR L 7 -17.77 -26.60 2.07
N LEU L 8 -17.33 -27.44 1.12
CA LEU L 8 -17.06 -26.96 -0.21
C LEU L 8 -18.33 -26.45 -0.88
N LYS L 9 -19.47 -27.12 -0.62
CA LYS L 9 -20.74 -26.67 -1.18
C LYS L 9 -21.11 -25.29 -0.66
N GLU L 10 -20.84 -25.06 0.64
CA GLU L 10 -21.10 -23.77 1.25
C GLU L 10 -20.23 -22.71 0.60
N ILE L 11 -18.96 -23.04 0.36
CA ILE L 11 -18.04 -22.13 -0.30
C ILE L 11 -18.57 -21.78 -1.70
N ALA L 12 -19.03 -22.80 -2.43
CA ALA L 12 -19.54 -22.59 -3.77
C ALA L 12 -20.74 -21.64 -3.76
N LYS L 13 -21.64 -21.83 -2.80
CA LYS L 13 -22.85 -21.04 -2.68
C LYS L 13 -22.49 -19.59 -2.36
N THR L 14 -21.55 -19.39 -1.43
CA THR L 14 -21.12 -18.07 -1.01
C THR L 14 -20.46 -17.34 -2.18
N LEU L 15 -19.61 -18.05 -2.94
CA LEU L 15 -18.95 -17.40 -4.06
C LEU L 15 -19.99 -16.95 -5.10
N LYS L 16 -21.05 -17.76 -5.28
CA LYS L 16 -22.09 -17.39 -6.22
C LYS L 16 -22.82 -16.13 -5.75
N GLU L 17 -23.05 -16.02 -4.44
CA GLU L 17 -23.67 -14.83 -3.87
C GLU L 17 -22.77 -13.60 -4.10
N GLN L 18 -21.47 -13.78 -3.91
CA GLN L 18 -20.51 -12.71 -4.11
C GLN L 18 -20.52 -12.26 -5.57
N ALA L 19 -20.59 -13.24 -6.48
CA ALA L 19 -20.61 -12.97 -7.91
C ALA L 19 -21.82 -12.10 -8.27
N TRP L 20 -22.98 -12.40 -7.68
CA TRP L 20 -24.18 -11.63 -7.94
C TRP L 20 -24.03 -10.20 -7.41
N THR L 21 -23.48 -10.07 -6.21
CA THR L 21 -23.25 -8.77 -5.61
C THR L 21 -22.30 -7.95 -6.47
N LEU L 22 -21.25 -8.56 -7.01
CA LEU L 22 -20.33 -7.84 -7.87
C LEU L 22 -21.06 -7.33 -9.13
N LYS L 23 -21.98 -8.13 -9.66
CA LYS L 23 -22.79 -7.69 -10.79
C LYS L 23 -23.65 -6.47 -10.43
N GLU L 24 -24.19 -6.46 -9.21
CA GLU L 24 -24.93 -5.31 -8.72
C GLU L 24 -24.03 -4.08 -8.66
N ILE L 25 -22.82 -4.25 -8.16
CA ILE L 25 -21.86 -3.15 -8.09
C ILE L 25 -21.56 -2.65 -9.48
N ALA L 26 -21.33 -3.54 -10.44
CA ALA L 26 -21.02 -3.16 -11.81
C ALA L 26 -22.16 -2.30 -12.38
N GLN L 27 -23.41 -2.73 -12.11
CA GLN L 27 -24.58 -2.02 -12.61
C GLN L 27 -24.67 -0.62 -11.97
N THR L 28 -24.41 -0.54 -10.67
CA THR L 28 -24.47 0.71 -9.93
C THR L 28 -23.44 1.69 -10.48
N LEU L 29 -22.23 1.20 -10.78
CA LEU L 29 -21.17 2.04 -11.29
C LEU L 29 -21.52 2.60 -12.67
N LYS L 30 -22.29 1.85 -13.45
CA LYS L 30 -22.73 2.37 -14.76
C LYS L 30 -23.79 3.44 -14.60
N GLY L 31 -24.64 3.31 -13.58
CA GLY L 31 -25.68 4.29 -13.28
C GLY L 31 -27.09 3.69 -13.22
N NH2 L 32 -27.14 2.39 -13.02
C1 EDO M . -31.97 1.53 -11.31
O1 EDO M . -33.24 1.05 -11.72
C2 EDO M . -30.89 0.50 -11.27
O2 EDO M . -29.81 0.67 -12.19
#